data_5TBE
#
_entry.id   5TBE
#
_cell.length_a   66.670
_cell.length_b   69.390
_cell.length_c   70.730
_cell.angle_alpha   90.00
_cell.angle_beta   90.00
_cell.angle_gamma   90.00
#
_symmetry.space_group_name_H-M   'P 21 21 21'
#
loop_
_entity.id
_entity.type
_entity.pdbx_description
1 polymer 'Mitogen-activated protein kinase 14'
2 non-polymer "~{N}-[2,4-bis(fluoranyl)-5-[[9-(2-morpholin-4-ylethylcarbamoyl)-11-oxidanylidene-5,6-dihydrodibenzo[1,2-~{d}:1',2'-~{f}][7]annulen-3-yl]amino]phenyl]thiophene-2-carboxamide"
3 water water
#
_entity_poly.entity_id   1
_entity_poly.type   'polypeptide(L)'
_entity_poly.pdbx_seq_one_letter_code
;MSQERPTFYRQELNKTIWEVPERYQNLSPVGSGAYGSVCAAFDTKTGLRVAVKKLSRPFQSIIHAKRTYRELRLLKHMKH
ENVIGLLDVFTPARSLEEFNDVYLVTHLMGADLNNIVKCQKLTDDHVQFLIYQILRGLKYIHSADIIHRDLKPSNLAVNE
DCELKILDFGLARHTDDEMTGYVATRWYRAPEIMLNWMHYNQTVDIWSVGCIMAELLTGRTLFPGTDHIDQLKLILRLVG
TPGAELLKKISSESARNYIQSLTQMPKMNFANVFIGANPLAVDLLEKMLVLDSDKRITAAQALAHAYFAQYHDPDDEPVA
DPYDQSFESRDLLIDEWKSLTYDEVISFVPPPLDQEEMES
;
_entity_poly.pdbx_strand_id   A
#
loop_
_chem_comp.id
_chem_comp.type
_chem_comp.name
_chem_comp.formula
78L non-polymer ~{N}-[2,4-bis(fluoranyl)-5-[[9-(2-morpholin-4-ylethylcarbamoyl)-11-oxidanylidene-5,6-dihydrodibenzo[1,2-~{d}:1',2'-~{f}][7]annulen-3-yl]amino]phenyl]thiophene-2-carboxamide 'C33 H30 F2 N4 O4 S'
#
# COMPACT_ATOMS: atom_id res chain seq x y z
N ARG A 5 -31.84 -12.06 -0.46
CA ARG A 5 -30.54 -12.76 -0.62
C ARG A 5 -30.33 -13.18 -2.09
N PRO A 6 -29.18 -12.80 -2.70
CA PRO A 6 -29.03 -13.11 -4.13
C PRO A 6 -28.75 -14.58 -4.42
N THR A 7 -28.97 -14.94 -5.67
CA THR A 7 -28.61 -16.25 -6.15
C THR A 7 -27.13 -16.22 -6.50
N PHE A 8 -26.42 -17.24 -6.11
CA PHE A 8 -24.98 -17.32 -6.37
C PHE A 8 -24.75 -18.21 -7.59
N TYR A 9 -23.56 -18.13 -8.17
CA TYR A 9 -23.10 -19.15 -9.12
C TYR A 9 -21.62 -19.44 -8.89
N ARG A 10 -21.21 -20.66 -9.24
CA ARG A 10 -19.86 -21.15 -9.01
C ARG A 10 -19.09 -21.07 -10.33
N GLN A 11 -17.78 -20.92 -10.26
CA GLN A 11 -16.91 -21.22 -11.38
C GLN A 11 -15.48 -21.32 -10.90
N GLU A 12 -14.66 -22.05 -11.64
CA GLU A 12 -13.26 -22.15 -11.33
C GLU A 12 -12.47 -21.21 -12.25
N LEU A 13 -11.78 -20.26 -11.63
CA LEU A 13 -10.85 -19.36 -12.30
C LEU A 13 -9.47 -19.50 -11.69
N ASN A 14 -8.46 -19.75 -12.54
CA ASN A 14 -7.07 -19.95 -12.09
C ASN A 14 -6.91 -20.91 -10.90
N LYS A 15 -7.62 -22.03 -10.99
CA LYS A 15 -7.58 -23.11 -9.98
C LYS A 15 -8.16 -22.72 -8.61
N THR A 16 -9.01 -21.70 -8.57
CA THR A 16 -9.75 -21.34 -7.35
C THR A 16 -11.22 -21.12 -7.72
N ILE A 17 -12.08 -21.49 -6.77
CA ILE A 17 -13.50 -21.45 -6.95
C ILE A 17 -14.03 -20.11 -6.51
N TRP A 18 -14.71 -19.41 -7.41
CA TRP A 18 -15.41 -18.17 -7.09
C TRP A 18 -16.90 -18.44 -7.03
N GLU A 19 -17.51 -18.04 -5.92
CA GLU A 19 -18.91 -18.18 -5.73
C GLU A 19 -19.52 -16.81 -5.44
N VAL A 20 -20.20 -16.25 -6.42
CA VAL A 20 -20.62 -14.87 -6.32
C VAL A 20 -22.05 -14.71 -6.75
N PRO A 21 -22.72 -13.65 -6.25
CA PRO A 21 -24.02 -13.24 -6.72
C PRO A 21 -24.06 -13.15 -8.23
N GLU A 22 -25.23 -13.40 -8.79
CA GLU A 22 -25.39 -13.40 -10.23
C GLU A 22 -25.23 -12.03 -10.80
N ARG A 23 -25.49 -10.99 -9.99
CA ARG A 23 -25.22 -9.64 -10.49
C ARG A 23 -23.81 -9.41 -11.08
N TYR A 24 -22.79 -10.12 -10.55
CA TYR A 24 -21.39 -9.98 -11.01
C TYR A 24 -21.09 -10.93 -12.15
N GLN A 25 -20.89 -10.35 -13.33
CA GLN A 25 -20.72 -11.09 -14.59
C GLN A 25 -19.33 -10.88 -15.22
N ASN A 26 -18.91 -11.78 -16.09
CA ASN A 26 -17.65 -11.65 -16.81
C ASN A 26 -16.46 -11.55 -15.90
N LEU A 27 -16.38 -12.49 -14.97
CA LEU A 27 -15.23 -12.58 -14.10
C LEU A 27 -14.02 -12.93 -14.95
N SER A 28 -12.95 -12.16 -14.75
CA SER A 28 -11.74 -12.23 -15.53
C SER A 28 -10.59 -11.82 -14.57
N PRO A 29 -9.66 -12.74 -14.26
CA PRO A 29 -8.54 -12.47 -13.32
C PRO A 29 -7.68 -11.29 -13.63
N VAL A 30 -7.32 -10.50 -12.64
CA VAL A 30 -6.39 -9.40 -12.84
C VAL A 30 -5.21 -9.43 -11.83
N GLY A 31 -4.81 -10.64 -11.40
CA GLY A 31 -3.68 -10.83 -10.47
C GLY A 31 -4.06 -10.71 -9.00
CA ALA A 34 -1.35 -10.20 -1.81
C ALA A 34 -1.87 -11.01 -0.61
N TYR A 35 -3.17 -10.89 -0.37
CA TYR A 35 -3.93 -11.67 0.64
C TYR A 35 -5.22 -12.27 0.04
N GLY A 36 -5.20 -12.40 -1.29
CA GLY A 36 -6.36 -12.75 -2.10
C GLY A 36 -6.02 -12.59 -3.59
N SER A 37 -6.84 -13.16 -4.45
CA SER A 37 -6.76 -12.88 -5.89
C SER A 37 -7.92 -11.98 -6.28
N VAL A 38 -7.79 -11.28 -7.41
CA VAL A 38 -8.73 -10.24 -7.79
C VAL A 38 -9.25 -10.55 -9.19
N CYS A 39 -10.53 -10.38 -9.42
CA CYS A 39 -11.15 -10.49 -10.75
C CYS A 39 -11.83 -9.17 -11.11
N ALA A 40 -11.61 -8.73 -12.34
CA ALA A 40 -12.43 -7.69 -12.93
C ALA A 40 -13.77 -8.31 -13.23
N ALA A 41 -14.82 -7.51 -13.07
CA ALA A 41 -16.19 -7.95 -13.37
C ALA A 41 -17.16 -6.80 -13.68
N PHE A 42 -18.34 -7.15 -14.20
CA PHE A 42 -19.36 -6.15 -14.59
C PHE A 42 -20.55 -6.39 -13.68
N ASP A 43 -20.91 -5.36 -12.92
CA ASP A 43 -22.04 -5.42 -12.00
C ASP A 43 -23.35 -4.96 -12.69
N THR A 44 -24.19 -5.93 -13.01
CA THR A 44 -25.39 -5.67 -13.79
C THR A 44 -26.45 -4.86 -13.05
N LYS A 45 -26.36 -4.84 -11.72
CA LYS A 45 -27.27 -4.04 -10.87
C LYS A 45 -26.92 -2.56 -10.80
N THR A 46 -25.63 -2.21 -10.83
CA THR A 46 -25.23 -0.79 -10.80
C THR A 46 -24.72 -0.29 -12.13
N GLY A 47 -24.43 -1.19 -13.06
CA GLY A 47 -23.79 -0.81 -14.30
C GLY A 47 -22.35 -0.37 -14.18
N LEU A 48 -21.70 -0.56 -13.01
CA LEU A 48 -20.25 -0.25 -12.86
C LEU A 48 -19.34 -1.43 -13.25
N ARG A 49 -18.17 -1.15 -13.78
CA ARG A 49 -17.12 -2.18 -13.88
C ARG A 49 -16.54 -2.27 -12.46
N VAL A 50 -16.26 -3.49 -11.95
CA VAL A 50 -15.77 -3.69 -10.61
C VAL A 50 -14.56 -4.60 -10.46
N ALA A 51 -13.83 -4.44 -9.37
CA ALA A 51 -12.84 -5.44 -8.94
C ALA A 51 -13.45 -6.26 -7.78
N VAL A 52 -13.29 -7.57 -7.82
CA VAL A 52 -13.75 -8.43 -6.75
C VAL A 52 -12.53 -9.16 -6.18
N LYS A 53 -12.31 -8.99 -4.87
CA LYS A 53 -11.21 -9.66 -4.18
C LYS A 53 -11.71 -10.85 -3.37
N LYS A 54 -11.21 -12.03 -3.69
CA LYS A 54 -11.46 -13.18 -2.87
C LYS A 54 -10.33 -13.35 -1.87
N LEU A 55 -10.65 -13.18 -0.59
CA LEU A 55 -9.69 -13.44 0.47
C LEU A 55 -9.28 -14.93 0.51
N SER A 56 -7.97 -15.18 0.55
CA SER A 56 -7.43 -16.55 0.61
C SER A 56 -7.47 -17.16 2.04
N ARG A 57 -8.34 -18.13 2.28
CA ARG A 57 -8.34 -18.86 3.55
C ARG A 57 -8.45 -17.87 4.72
N PRO A 58 -9.43 -16.94 4.66
CA PRO A 58 -9.60 -15.87 5.64
C PRO A 58 -9.63 -16.26 7.15
N PHE A 59 -10.12 -17.45 7.49
CA PHE A 59 -10.27 -17.89 8.88
C PHE A 59 -9.58 -19.24 9.13
N GLN A 60 -8.49 -19.50 8.43
CA GLN A 60 -7.76 -20.74 8.61
C GLN A 60 -6.48 -20.60 9.44
N SER A 61 -6.32 -19.42 10.03
CA SER A 61 -5.33 -19.17 11.06
C SER A 61 -5.77 -17.93 11.82
N ILE A 62 -5.21 -17.76 12.99
CA ILE A 62 -5.54 -16.62 13.83
C ILE A 62 -5.08 -15.33 13.16
N ILE A 63 -3.92 -15.36 12.53
CA ILE A 63 -3.35 -14.21 11.86
C ILE A 63 -4.27 -13.77 10.71
N HIS A 64 -4.71 -14.75 9.93
CA HIS A 64 -5.64 -14.51 8.83
C HIS A 64 -6.96 -13.98 9.35
N ALA A 65 -7.52 -14.61 10.39
CA ALA A 65 -8.85 -14.20 10.92
C ALA A 65 -8.83 -12.75 11.39
N LYS A 66 -7.85 -12.42 12.19
CA LYS A 66 -7.68 -11.06 12.66
C LYS A 66 -7.45 -10.10 11.50
N ARG A 67 -6.68 -10.52 10.50
CA ARG A 67 -6.47 -9.67 9.31
C ARG A 67 -7.73 -9.47 8.46
N THR A 68 -8.53 -10.50 8.38
CA THR A 68 -9.76 -10.36 7.67
C THR A 68 -10.66 -9.32 8.32
N TYR A 69 -10.76 -9.41 9.65
CA TYR A 69 -11.54 -8.46 10.42
C TYR A 69 -10.98 -7.05 10.27
N ARG A 70 -9.64 -6.96 10.34
CA ARG A 70 -8.95 -5.66 10.22
C ARG A 70 -9.28 -4.97 8.91
N GLU A 71 -9.21 -5.76 7.82
CA GLU A 71 -9.55 -5.34 6.49
C GLU A 71 -10.98 -4.84 6.36
N LEU A 72 -11.93 -5.53 6.99
CA LEU A 72 -13.31 -5.13 6.88
C LEU A 72 -13.58 -3.87 7.71
N ARG A 73 -13.02 -3.84 8.90
CA ARG A 73 -13.08 -2.67 9.73
C ARG A 73 -12.48 -1.46 9.03
N LEU A 74 -11.26 -1.57 8.50
CA LEU A 74 -10.61 -0.45 7.82
C LEU A 74 -11.43 0.07 6.66
N LEU A 75 -12.03 -0.83 5.89
CA LEU A 75 -12.75 -0.41 4.69
C LEU A 75 -14.09 0.22 5.02
N LYS A 76 -14.71 -0.22 6.10
CA LYS A 76 -15.97 0.43 6.56
C LYS A 76 -15.73 1.76 7.26
N HIS A 77 -14.49 1.98 7.65
CA HIS A 77 -14.18 3.23 8.30
C HIS A 77 -13.61 4.33 7.38
N MET A 78 -12.74 3.99 6.42
CA MET A 78 -12.04 4.98 5.63
C MET A 78 -12.97 5.45 4.49
N LYS A 79 -12.87 6.73 4.15
CA LYS A 79 -13.53 7.25 2.97
C LYS A 79 -12.56 8.33 2.55
N HIS A 80 -11.94 8.12 1.41
CA HIS A 80 -10.95 9.00 0.90
C HIS A 80 -10.74 8.69 -0.58
N GLU A 81 -10.46 9.74 -1.36
CA GLU A 81 -10.28 9.65 -2.81
C GLU A 81 -9.17 8.68 -3.19
N ASN A 82 -8.06 8.75 -2.49
CA ASN A 82 -6.93 7.81 -2.69
C ASN A 82 -6.93 6.49 -1.90
N VAL A 83 -8.11 6.10 -1.42
CA VAL A 83 -8.30 4.88 -0.68
C VAL A 83 -9.48 4.23 -1.33
N ILE A 84 -9.32 2.96 -1.60
CA ILE A 84 -10.36 2.16 -2.28
C ILE A 84 -11.67 2.09 -1.47
N GLY A 85 -12.79 2.19 -2.15
CA GLY A 85 -14.11 2.31 -1.52
C GLY A 85 -14.94 1.06 -1.72
N LEU A 86 -15.45 0.53 -0.60
CA LEU A 86 -16.11 -0.76 -0.58
C LEU A 86 -17.51 -0.57 -1.06
N LEU A 87 -17.83 -1.24 -2.17
CA LEU A 87 -19.15 -1.20 -2.78
C LEU A 87 -20.04 -2.32 -2.31
N ASP A 88 -19.43 -3.46 -2.01
CA ASP A 88 -20.19 -4.61 -1.54
C ASP A 88 -19.25 -5.55 -0.86
N VAL A 89 -19.74 -6.26 0.14
CA VAL A 89 -18.98 -7.39 0.70
C VAL A 89 -19.98 -8.51 0.84
N PHE A 90 -19.59 -9.69 0.41
CA PHE A 90 -20.47 -10.82 0.43
C PHE A 90 -19.80 -12.15 0.69
N THR A 91 -20.63 -13.15 1.00
CA THR A 91 -20.21 -14.52 1.26
C THR A 91 -21.29 -15.51 0.78
N PRO A 92 -20.89 -16.67 0.21
CA PRO A 92 -21.91 -17.67 -0.12
C PRO A 92 -22.66 -18.20 1.10
N ALA A 93 -22.01 -18.17 2.26
CA ALA A 93 -22.55 -18.74 3.48
C ALA A 93 -23.96 -18.28 3.76
N ARG A 94 -24.81 -19.24 4.12
CA ARG A 94 -26.17 -18.99 4.51
C ARG A 94 -26.21 -18.60 6.01
N SER A 95 -25.22 -19.02 6.80
CA SER A 95 -25.18 -18.69 8.21
C SER A 95 -23.75 -18.72 8.77
N LEU A 96 -23.59 -18.39 10.05
CA LEU A 96 -22.27 -18.35 10.70
C LEU A 96 -21.47 -19.64 10.60
N GLU A 97 -22.09 -20.78 10.93
CA GLU A 97 -21.44 -22.11 10.87
C GLU A 97 -20.97 -22.43 9.44
N GLU A 98 -21.65 -21.85 8.44
CA GLU A 98 -21.28 -21.96 7.02
C GLU A 98 -20.29 -20.88 6.47
N PHE A 99 -19.88 -19.90 7.30
CA PHE A 99 -19.06 -18.74 6.88
C PHE A 99 -17.55 -19.04 6.76
N ASN A 100 -17.08 -19.26 5.53
CA ASN A 100 -15.68 -19.62 5.26
C ASN A 100 -14.95 -18.84 4.19
N ASP A 101 -15.63 -17.93 3.51
CA ASP A 101 -15.04 -17.18 2.39
C ASP A 101 -15.60 -15.77 2.41
N VAL A 102 -14.75 -14.80 2.08
CA VAL A 102 -15.15 -13.39 2.00
C VAL A 102 -14.72 -12.78 0.66
N TYR A 103 -15.64 -11.99 0.07
CA TYR A 103 -15.40 -11.28 -1.19
C TYR A 103 -15.65 -9.79 -1.02
N LEU A 104 -14.72 -8.97 -1.46
CA LEU A 104 -14.85 -7.52 -1.35
C LEU A 104 -14.91 -6.94 -2.73
N VAL A 105 -15.84 -6.02 -2.95
CA VAL A 105 -16.05 -5.42 -4.26
C VAL A 105 -15.63 -3.93 -4.21
N THR A 106 -14.89 -3.49 -5.22
CA THR A 106 -14.65 -2.09 -5.37
C THR A 106 -14.69 -1.70 -6.80
N HIS A 107 -14.60 -0.40 -7.07
CA HIS A 107 -14.54 0.11 -8.44
C HIS A 107 -13.33 -0.45 -9.09
N LEU A 108 -13.45 -0.87 -10.33
CA LEU A 108 -12.29 -1.41 -11.08
C LEU A 108 -11.44 -0.23 -11.40
N MET A 109 -10.16 -0.29 -11.14
CA MET A 109 -9.32 0.84 -11.50
C MET A 109 -8.67 0.58 -12.82
N GLY A 110 -8.21 -0.65 -13.02
CA GLY A 110 -7.83 -1.14 -14.35
C GLY A 110 -6.36 -1.25 -14.58
N ALA A 111 -5.55 -0.73 -13.64
CA ALA A 111 -4.11 -0.89 -13.80
C ALA A 111 -3.44 -0.75 -12.46
N ASP A 112 -2.30 -1.36 -12.27
CA ASP A 112 -1.41 -0.97 -11.18
C ASP A 112 -0.37 -0.01 -11.73
N LEU A 113 0.51 0.49 -10.90
CA LEU A 113 1.47 1.45 -11.37
C LEU A 113 2.59 0.88 -12.24
N ASN A 114 2.96 -0.40 -12.12
CA ASN A 114 3.85 -1.04 -13.14
C ASN A 114 3.27 -1.01 -14.55
N ASN A 115 1.97 -1.23 -14.68
CA ASN A 115 1.33 -1.22 -15.99
C ASN A 115 1.27 0.17 -16.62
N ILE A 116 1.48 1.22 -15.84
CA ILE A 116 1.57 2.59 -16.38
C ILE A 116 3.02 2.90 -16.74
N VAL A 117 3.93 2.69 -15.79
CA VAL A 117 5.38 2.80 -16.03
C VAL A 117 5.86 1.45 -16.57
N LYS A 118 5.76 1.25 -17.87
CA LYS A 118 6.36 0.07 -18.52
C LYS A 118 7.81 0.41 -18.77
N CYS A 119 8.51 0.70 -17.67
CA CYS A 119 9.93 0.99 -17.67
C CYS A 119 10.33 2.16 -18.56
N GLN A 120 9.56 3.24 -18.49
CA GLN A 120 9.88 4.46 -19.19
C GLN A 120 9.79 5.67 -18.26
N LYS A 121 10.67 6.64 -18.44
CA LYS A 121 10.61 7.86 -17.68
C LYS A 121 9.21 8.43 -17.86
N LEU A 122 8.71 9.06 -16.83
CA LEU A 122 7.49 9.81 -16.89
C LEU A 122 7.95 11.24 -16.83
N THR A 123 7.10 12.15 -17.32
CA THR A 123 7.39 13.58 -17.25
C THR A 123 7.19 14.04 -15.82
N ASP A 124 7.72 15.21 -15.53
CA ASP A 124 7.61 15.78 -14.22
C ASP A 124 6.19 16.04 -13.73
N ASP A 125 5.29 16.49 -14.59
CA ASP A 125 3.94 16.77 -14.11
C ASP A 125 3.20 15.50 -13.74
N HIS A 126 3.40 14.46 -14.55
CA HIS A 126 2.82 13.16 -14.35
C HIS A 126 3.26 12.57 -12.96
N VAL A 127 4.53 12.74 -12.63
CA VAL A 127 5.10 12.30 -11.37
C VAL A 127 4.52 13.13 -10.20
N GLN A 128 4.49 14.46 -10.31
CA GLN A 128 3.95 15.29 -9.23
C GLN A 128 2.58 14.80 -8.89
N PHE A 129 1.76 14.59 -9.93
CA PHE A 129 0.40 14.19 -9.70
C PHE A 129 0.35 12.81 -9.04
N LEU A 130 1.13 11.86 -9.56
CA LEU A 130 1.15 10.50 -8.97
C LEU A 130 1.62 10.47 -7.53
N ILE A 131 2.75 11.12 -7.23
CA ILE A 131 3.32 11.08 -5.87
C ILE A 131 2.53 11.96 -4.92
N TYR A 132 1.99 13.05 -5.44
CA TYR A 132 1.05 13.89 -4.68
C TYR A 132 -0.09 13.09 -4.10
N GLN A 133 -0.74 12.28 -4.94
CA GLN A 133 -1.85 11.48 -4.51
C GLN A 133 -1.47 10.40 -3.54
N ILE A 134 -0.31 9.79 -3.76
CA ILE A 134 0.20 8.79 -2.79
C ILE A 134 0.40 9.40 -1.40
N LEU A 135 1.05 10.53 -1.38
CA LEU A 135 1.26 11.28 -0.11
C LEU A 135 -0.04 11.78 0.54
N ARG A 136 -0.95 12.32 -0.26
CA ARG A 136 -2.27 12.66 0.24
C ARG A 136 -2.98 11.44 0.88
N GLY A 137 -2.95 10.29 0.21
CA GLY A 137 -3.51 9.08 0.77
C GLY A 137 -2.84 8.67 2.08
N LEU A 138 -1.50 8.64 2.07
CA LEU A 138 -0.75 8.35 3.29
C LEU A 138 -1.04 9.33 4.47
N LYS A 139 -1.22 10.59 4.16
CA LYS A 139 -1.48 11.53 5.22
C LYS A 139 -2.72 11.10 5.96
N TYR A 140 -3.80 10.84 5.21
CA TYR A 140 -5.05 10.32 5.74
C TYR A 140 -4.87 9.04 6.56
N ILE A 141 -4.16 8.08 5.99
CA ILE A 141 -3.96 6.76 6.55
C ILE A 141 -3.15 6.89 7.82
N HIS A 142 -2.04 7.63 7.75
CA HIS A 142 -1.20 7.85 8.92
C HIS A 142 -1.85 8.54 10.09
N SER A 143 -2.72 9.50 9.80
CA SER A 143 -3.50 10.20 10.79
C SER A 143 -4.48 9.28 11.50
N ALA A 144 -4.77 8.09 10.96
CA ALA A 144 -5.46 7.07 11.74
C ALA A 144 -4.58 6.08 12.51
N ASP A 145 -3.29 6.39 12.69
CA ASP A 145 -2.33 5.47 13.32
C ASP A 145 -2.20 4.14 12.61
N ILE A 146 -2.29 4.21 11.29
CA ILE A 146 -2.14 3.05 10.43
C ILE A 146 -1.01 3.31 9.45
N ILE A 147 -0.30 2.23 9.15
CA ILE A 147 0.85 2.27 8.27
C ILE A 147 0.51 1.34 7.15
N HIS A 148 1.12 1.51 5.98
CA HIS A 148 1.01 0.47 4.92
C HIS A 148 1.90 -0.72 5.25
N ARG A 149 3.21 -0.43 5.33
CA ARG A 149 4.34 -1.37 5.53
C ARG A 149 4.86 -2.09 4.29
N ASP A 150 4.02 -2.42 3.32
CA ASP A 150 4.48 -2.88 2.02
C ASP A 150 3.92 -2.05 0.87
N LEU A 151 4.43 -0.83 0.76
CA LEU A 151 4.02 0.11 -0.26
C LEU A 151 4.94 -0.07 -1.49
N LYS A 152 4.37 -0.42 -2.62
CA LYS A 152 5.11 -0.64 -3.83
C LYS A 152 4.20 -0.45 -5.03
N PRO A 153 4.77 -0.45 -6.24
CA PRO A 153 3.93 -0.07 -7.37
C PRO A 153 2.74 -0.99 -7.62
N SER A 154 2.88 -2.27 -7.28
CA SER A 154 1.79 -3.22 -7.48
C SER A 154 0.64 -3.00 -6.45
N ASN A 155 0.86 -2.15 -5.44
CA ASN A 155 -0.15 -1.74 -4.45
C ASN A 155 -0.78 -0.40 -4.73
N LEU A 156 -0.68 0.07 -5.94
CA LEU A 156 -1.18 1.38 -6.25
C LEU A 156 -1.97 1.22 -7.50
N ALA A 157 -3.29 1.36 -7.40
CA ALA A 157 -4.16 1.15 -8.55
C ALA A 157 -4.33 2.52 -9.16
N VAL A 158 -4.33 2.56 -10.48
CA VAL A 158 -4.40 3.80 -11.23
C VAL A 158 -5.40 3.66 -12.36
N ASN A 159 -6.24 4.67 -12.55
CA ASN A 159 -7.20 4.62 -13.65
C ASN A 159 -6.76 5.47 -14.83
N GLU A 160 -7.54 5.41 -15.92
CA GLU A 160 -7.22 6.07 -17.20
C GLU A 160 -7.02 7.58 -17.04
N ASP A 161 -7.64 8.17 -16.01
CA ASP A 161 -7.42 9.58 -15.70
C ASP A 161 -6.31 9.80 -14.66
N CYS A 162 -5.45 8.79 -14.43
CA CYS A 162 -4.39 8.89 -13.42
C CYS A 162 -4.83 9.09 -11.99
N GLU A 163 -6.08 8.73 -11.67
CA GLU A 163 -6.50 8.78 -10.27
C GLU A 163 -6.00 7.49 -9.64
N LEU A 164 -5.48 7.60 -8.42
CA LEU A 164 -4.70 6.55 -7.78
C LEU A 164 -5.35 6.12 -6.50
N LYS A 165 -5.27 4.82 -6.20
CA LYS A 165 -5.75 4.30 -4.93
C LYS A 165 -4.69 3.43 -4.28
N ILE A 166 -4.54 3.59 -2.98
CA ILE A 166 -3.50 2.85 -2.25
C ILE A 166 -4.17 1.55 -1.85
N LEU A 167 -3.64 0.41 -2.33
CA LEU A 167 -4.25 -0.86 -2.04
C LEU A 167 -3.61 -1.48 -0.82
N ASP A 168 -4.43 -2.17 -0.04
CA ASP A 168 -3.96 -3.15 0.95
C ASP A 168 -3.09 -2.59 2.04
N PHE A 169 -3.34 -1.35 2.37
CA PHE A 169 -2.68 -0.71 3.49
C PHE A 169 -3.27 -1.26 4.82
N GLY A 170 -2.47 -1.25 5.86
CA GLY A 170 -2.92 -1.55 7.20
C GLY A 170 -2.98 -3.02 7.55
N LEU A 171 -2.55 -3.89 6.64
CA LEU A 171 -2.81 -5.32 6.83
C LEU A 171 -1.59 -6.06 7.32
N ALA A 172 -0.41 -5.63 6.94
CA ALA A 172 0.83 -6.20 7.39
C ALA A 172 1.23 -5.49 8.69
N ARG A 186 10.64 -6.61 -2.01
CA ARG A 186 11.71 -6.14 -1.13
C ARG A 186 12.41 -4.87 -1.63
N TRP A 187 12.17 -4.51 -2.90
CA TRP A 187 12.81 -3.32 -3.51
C TRP A 187 12.39 -1.94 -2.94
N TYR A 188 11.31 -1.88 -2.15
CA TYR A 188 10.74 -0.60 -1.74
C TYR A 188 10.70 -0.52 -0.25
N ARG A 189 11.32 -1.49 0.42
CA ARG A 189 11.12 -1.71 1.82
C ARG A 189 12.13 -0.87 2.55
N ALA A 190 11.69 -0.22 3.64
CA ALA A 190 12.60 0.60 4.41
C ALA A 190 13.72 -0.29 4.98
N PRO A 191 14.98 0.23 5.02
CA PRO A 191 16.08 -0.57 5.60
C PRO A 191 15.87 -1.00 7.04
N GLU A 192 15.42 -0.09 7.90
CA GLU A 192 15.07 -0.47 9.26
C GLU A 192 14.21 -1.74 9.36
N ILE A 193 13.27 -1.93 8.42
CA ILE A 193 12.40 -3.12 8.42
C ILE A 193 13.18 -4.40 8.05
N MET A 194 14.01 -4.32 7.03
CA MET A 194 14.79 -5.49 6.64
C MET A 194 15.93 -5.76 7.63
N LEU A 195 16.30 -4.76 8.44
CA LEU A 195 17.16 -4.99 9.58
C LEU A 195 16.37 -5.46 10.82
N ASN A 196 15.07 -5.66 10.69
CA ASN A 196 14.24 -6.13 11.79
C ASN A 196 14.34 -5.30 13.05
N TRP A 197 14.38 -3.97 12.89
CA TRP A 197 14.23 -3.09 14.05
C TRP A 197 12.85 -3.35 14.60
N MET A 198 12.61 -2.87 15.81
CA MET A 198 11.33 -3.12 16.46
C MET A 198 10.48 -1.86 16.47
N HIS A 199 11.16 -0.72 16.57
CA HIS A 199 10.52 0.55 16.70
C HIS A 199 10.52 1.10 15.29
N TYR A 200 9.36 1.03 14.63
CA TYR A 200 9.15 1.62 13.32
C TYR A 200 8.25 2.81 13.52
N ASN A 201 8.45 3.84 12.73
CA ASN A 201 7.45 4.90 12.65
C ASN A 201 6.87 4.86 11.24
N GLN A 202 5.96 5.81 11.02
CA GLN A 202 5.20 5.91 9.80
C GLN A 202 6.03 6.23 8.56
N THR A 203 7.21 6.82 8.77
CA THR A 203 8.13 7.15 7.68
C THR A 203 8.68 5.93 6.95
N VAL A 204 8.46 4.75 7.47
CA VAL A 204 8.79 3.54 6.65
C VAL A 204 8.12 3.56 5.27
N ASP A 205 6.94 4.18 5.18
CA ASP A 205 6.23 4.32 3.93
C ASP A 205 6.73 5.44 3.07
N ILE A 206 7.38 6.42 3.68
CA ILE A 206 7.94 7.54 2.92
C ILE A 206 9.18 7.08 2.19
N TRP A 207 9.96 6.17 2.81
CA TRP A 207 11.06 5.54 2.13
C TRP A 207 10.60 4.90 0.85
N SER A 208 9.48 4.20 0.95
CA SER A 208 8.91 3.45 -0.20
C SER A 208 8.48 4.40 -1.28
N VAL A 209 7.92 5.52 -0.86
CA VAL A 209 7.52 6.62 -1.77
C VAL A 209 8.73 7.13 -2.58
N GLY A 210 9.85 7.39 -1.89
CA GLY A 210 11.09 7.78 -2.55
C GLY A 210 11.50 6.77 -3.61
N CYS A 211 11.46 5.48 -3.28
CA CYS A 211 11.89 4.45 -4.23
C CYS A 211 11.06 4.44 -5.47
N ILE A 212 9.78 4.56 -5.25
CA ILE A 212 8.81 4.63 -6.34
C ILE A 212 9.06 5.88 -7.11
N MET A 213 9.13 7.00 -6.41
CA MET A 213 9.26 8.29 -7.08
C MET A 213 10.47 8.31 -7.98
N ALA A 214 11.58 7.86 -7.42
CA ALA A 214 12.85 7.80 -8.15
C ALA A 214 12.71 7.04 -9.46
N GLU A 215 12.03 5.89 -9.35
CA GLU A 215 11.76 4.95 -10.44
C GLU A 215 10.95 5.51 -11.57
N LEU A 216 9.99 6.35 -11.23
CA LEU A 216 9.18 7.02 -12.25
C LEU A 216 9.93 8.16 -12.95
N LEU A 217 10.93 8.72 -12.28
CA LEU A 217 11.80 9.77 -12.87
C LEU A 217 12.80 9.19 -13.86
N THR A 218 13.37 8.04 -13.52
CA THR A 218 14.45 7.44 -14.29
C THR A 218 14.03 6.35 -15.26
N GLY A 219 12.87 5.72 -15.07
CA GLY A 219 12.52 4.51 -15.81
C GLY A 219 13.02 3.22 -15.17
N ARG A 220 13.98 3.36 -14.25
CA ARG A 220 14.60 2.21 -13.60
C ARG A 220 14.28 2.14 -12.13
N THR A 221 14.08 0.91 -11.67
CA THR A 221 14.11 0.62 -10.23
C THR A 221 15.41 1.17 -9.58
N LEU A 222 15.24 1.79 -8.43
CA LEU A 222 16.32 2.46 -7.77
C LEU A 222 17.21 1.45 -7.09
N PHE A 223 16.63 0.42 -6.48
CA PHE A 223 17.40 -0.60 -5.75
C PHE A 223 16.90 -2.00 -6.08
N PRO A 224 17.18 -2.51 -7.31
CA PRO A 224 16.63 -3.82 -7.70
C PRO A 224 17.51 -5.02 -7.20
N GLY A 225 17.63 -5.17 -5.87
CA GLY A 225 18.47 -6.20 -5.27
C GLY A 225 17.92 -7.60 -5.51
N THR A 226 18.79 -8.54 -5.85
CA THR A 226 18.35 -9.91 -6.14
C THR A 226 18.27 -10.71 -4.82
N ASP A 227 18.80 -10.13 -3.76
CA ASP A 227 18.78 -10.74 -2.44
C ASP A 227 18.97 -9.63 -1.44
N HIS A 228 18.88 -10.04 -0.19
CA HIS A 228 18.91 -9.19 0.96
C HIS A 228 20.18 -8.41 1.08
N ILE A 229 21.32 -9.08 0.93
CA ILE A 229 22.61 -8.42 1.03
C ILE A 229 22.85 -7.41 -0.11
N ASP A 230 22.57 -7.82 -1.34
CA ASP A 230 22.70 -6.94 -2.52
C ASP A 230 21.90 -5.67 -2.32
N GLN A 231 20.67 -5.87 -1.87
CA GLN A 231 19.70 -4.82 -1.66
C GLN A 231 20.25 -3.78 -0.69
N LEU A 232 20.72 -4.28 0.45
CA LEU A 232 21.30 -3.44 1.48
C LEU A 232 22.51 -2.70 1.01
N LYS A 233 23.32 -3.36 0.18
CA LYS A 233 24.53 -2.72 -0.32
C LYS A 233 24.19 -1.66 -1.36
N LEU A 234 23.35 -1.97 -2.36
CA LEU A 234 22.90 -0.94 -3.33
C LEU A 234 22.40 0.33 -2.60
N ILE A 235 21.62 0.18 -1.53
CA ILE A 235 21.17 1.32 -0.73
C ILE A 235 22.30 2.03 0.00
N LEU A 236 23.09 1.27 0.76
CA LEU A 236 24.08 1.85 1.71
C LEU A 236 25.16 2.71 0.99
N ARG A 237 25.55 2.24 -0.20
CA ARG A 237 26.56 2.92 -1.04
C ARG A 237 26.08 4.16 -1.83
N LEU A 238 24.79 4.25 -2.08
CA LEU A 238 24.23 5.37 -2.85
C LEU A 238 23.69 6.48 -1.96
N VAL A 239 23.14 6.09 -0.82
CA VAL A 239 22.38 7.01 -0.01
C VAL A 239 23.27 7.57 1.08
N GLY A 240 23.00 8.80 1.49
CA GLY A 240 23.80 9.50 2.51
C GLY A 240 24.10 8.60 3.70
N THR A 241 25.36 8.64 4.13
CA THR A 241 25.86 7.73 5.16
C THR A 241 25.56 8.41 6.47
N PRO A 242 25.06 7.66 7.47
CA PRO A 242 24.73 8.39 8.70
C PRO A 242 25.98 8.73 9.52
N GLY A 243 25.78 9.52 10.59
CA GLY A 243 26.83 9.78 11.56
C GLY A 243 27.08 8.51 12.34
N ALA A 244 28.34 8.29 12.74
CA ALA A 244 28.69 7.16 13.60
C ALA A 244 27.67 6.99 14.75
N GLU A 245 27.08 8.07 15.23
CA GLU A 245 25.96 7.90 16.13
C GLU A 245 24.98 6.75 15.74
N LEU A 246 24.43 6.83 14.51
CA LEU A 246 23.38 5.91 14.00
C LEU A 246 23.89 4.49 13.74
N LEU A 247 25.12 4.36 13.26
CA LEU A 247 25.73 3.04 13.21
C LEU A 247 25.96 2.46 14.64
N LYS A 248 25.71 3.25 15.69
CA LYS A 248 25.82 2.80 17.10
C LYS A 248 24.51 2.21 17.63
N LYS A 249 23.38 2.81 17.22
CA LYS A 249 22.07 2.21 17.46
C LYS A 249 21.93 0.77 16.94
N ILE A 250 22.94 0.25 16.23
CA ILE A 250 23.03 -1.14 15.78
C ILE A 250 24.26 -1.83 16.37
N GLU A 253 25.38 -6.47 16.04
CA GLU A 253 26.45 -7.45 16.02
C GLU A 253 27.62 -7.01 15.12
N SER A 254 28.38 -7.96 14.59
CA SER A 254 29.42 -7.67 13.61
C SER A 254 28.81 -7.24 12.28
N ALA A 255 27.53 -6.90 12.28
CA ALA A 255 26.87 -6.31 11.13
C ALA A 255 27.28 -4.85 10.98
N ARG A 256 27.56 -4.22 12.13
CA ARG A 256 28.04 -2.85 12.24
C ARG A 256 29.31 -2.70 11.41
N ASN A 257 30.12 -3.74 11.41
CA ASN A 257 31.37 -3.69 10.67
C ASN A 257 31.15 -3.87 9.17
N TYR A 258 30.38 -4.88 8.79
CA TYR A 258 30.04 -5.08 7.38
C TYR A 258 29.24 -3.87 6.83
N ILE A 259 28.40 -3.25 7.67
CA ILE A 259 27.68 -2.02 7.29
C ILE A 259 28.65 -0.84 7.22
N GLN A 260 29.38 -0.60 8.30
CA GLN A 260 30.37 0.48 8.34
C GLN A 260 31.38 0.42 7.20
N SER A 261 31.73 -0.80 6.76
CA SER A 261 32.68 -0.99 5.66
C SER A 261 32.12 -0.48 4.34
N LEU A 262 30.82 -0.68 4.12
CA LEU A 262 30.14 -0.11 2.93
C LEU A 262 29.95 1.43 3.02
N THR A 263 29.45 1.90 4.16
CA THR A 263 29.11 3.32 4.29
C THR A 263 30.32 4.22 4.36
N GLN A 264 31.46 3.72 4.84
CA GLN A 264 32.66 4.58 4.92
C GLN A 264 33.26 4.89 3.54
N MET A 265 32.88 4.13 2.50
CA MET A 265 33.56 4.22 1.21
C MET A 265 33.12 5.52 0.49
N PRO A 266 34.05 6.16 -0.26
CA PRO A 266 33.67 7.37 -1.02
C PRO A 266 32.39 7.20 -1.85
N LYS A 267 31.45 8.12 -1.70
CA LYS A 267 30.17 8.08 -2.44
C LYS A 267 30.17 8.92 -3.74
N MET A 268 29.21 8.65 -4.61
CA MET A 268 28.87 9.53 -5.73
C MET A 268 27.80 10.55 -5.27
N ASN A 269 27.76 11.70 -5.94
CA ASN A 269 26.73 12.69 -5.70
C ASN A 269 25.34 12.13 -6.00
N PHE A 270 24.45 12.32 -5.05
CA PHE A 270 23.13 11.69 -5.09
C PHE A 270 22.25 12.22 -6.21
N ALA A 271 22.21 13.54 -6.30
CA ALA A 271 21.49 14.22 -7.37
C ALA A 271 21.98 13.81 -8.77
N ASN A 272 23.25 13.40 -8.93
CA ASN A 272 23.74 12.99 -10.26
C ASN A 272 23.04 11.78 -10.83
N VAL A 273 22.46 10.97 -9.97
CA VAL A 273 21.63 9.84 -10.41
C VAL A 273 20.38 10.26 -11.21
N PHE A 274 19.86 11.44 -10.87
CA PHE A 274 18.64 11.94 -11.47
C PHE A 274 18.86 13.15 -12.38
N ILE A 275 19.95 13.12 -13.16
CA ILE A 275 20.35 14.28 -13.97
C ILE A 275 19.21 14.66 -14.88
N GLY A 276 18.93 15.95 -14.92
CA GLY A 276 17.90 16.47 -15.80
C GLY A 276 16.53 16.49 -15.16
N ALA A 277 16.37 15.89 -13.97
CA ALA A 277 15.09 15.93 -13.28
C ALA A 277 14.85 17.31 -12.71
N ASN A 278 13.62 17.60 -12.33
CA ASN A 278 13.30 18.87 -11.68
C ASN A 278 14.11 18.94 -10.37
N PRO A 279 14.88 20.04 -10.19
CA PRO A 279 15.65 20.06 -8.95
C PRO A 279 14.85 20.03 -7.64
N LEU A 280 13.58 20.46 -7.64
CA LEU A 280 12.69 20.31 -6.48
C LEU A 280 12.32 18.85 -6.20
N ALA A 281 12.19 18.08 -7.28
CA ALA A 281 11.98 16.66 -7.18
C ALA A 281 13.18 16.04 -6.50
N VAL A 282 14.38 16.43 -6.93
CA VAL A 282 15.62 15.82 -6.43
C VAL A 282 15.76 16.18 -4.97
N ASP A 283 15.42 17.41 -4.62
CA ASP A 283 15.46 17.83 -3.21
C ASP A 283 14.50 17.02 -2.32
N LEU A 284 13.28 16.78 -2.79
CA LEU A 284 12.31 16.01 -2.01
C LEU A 284 12.75 14.55 -1.82
N LEU A 285 13.29 13.94 -2.86
CA LEU A 285 13.90 12.62 -2.75
C LEU A 285 14.94 12.45 -1.63
N GLU A 286 15.83 13.43 -1.51
CA GLU A 286 16.87 13.46 -0.45
C GLU A 286 16.29 13.57 0.93
N LYS A 287 15.12 14.18 1.04
CA LYS A 287 14.44 14.25 2.30
C LYS A 287 13.71 12.92 2.59
N MET A 288 13.36 12.17 1.56
CA MET A 288 12.65 10.90 1.70
C MET A 288 13.60 9.73 1.91
N LEU A 289 14.61 9.62 1.07
CA LEU A 289 15.56 8.53 1.16
C LEU A 289 16.70 8.83 2.14
N VAL A 290 16.32 9.06 3.38
CA VAL A 290 17.23 9.21 4.48
C VAL A 290 17.15 7.93 5.33
N LEU A 291 18.29 7.42 5.75
CA LEU A 291 18.37 6.18 6.54
C LEU A 291 17.82 6.35 7.95
N ASP A 292 18.11 7.49 8.54
CA ASP A 292 17.69 7.77 9.86
C ASP A 292 16.22 8.13 9.78
N SER A 293 15.38 7.18 10.18
CA SER A 293 13.93 7.40 10.12
C SER A 293 13.51 8.59 11.01
N ASP A 294 14.37 8.98 11.95
CA ASP A 294 14.16 10.17 12.79
C ASP A 294 14.31 11.45 12.02
N LYS A 295 14.94 11.40 10.83
CA LYS A 295 15.10 12.57 9.97
C LYS A 295 14.41 12.50 8.57
N ARG A 296 13.65 11.44 8.31
CA ARG A 296 12.79 11.38 7.11
C ARG A 296 11.62 12.32 7.21
N ILE A 297 11.42 13.05 6.14
CA ILE A 297 10.23 13.89 5.98
C ILE A 297 8.96 12.99 6.12
N THR A 298 7.90 13.52 6.73
CA THR A 298 6.62 12.82 6.84
C THR A 298 5.77 13.09 5.64
N ALA A 299 4.61 12.43 5.57
CA ALA A 299 3.63 12.67 4.51
C ALA A 299 3.15 14.12 4.41
N ALA A 300 2.69 14.67 5.54
CA ALA A 300 2.24 16.04 5.66
C ALA A 300 3.32 17.05 5.27
N GLN A 301 4.54 16.85 5.74
CA GLN A 301 5.68 17.69 5.36
C GLN A 301 6.02 17.55 3.88
N ALA A 302 5.96 16.33 3.36
CA ALA A 302 6.24 16.13 1.95
C ALA A 302 5.21 16.83 1.12
N LEU A 303 3.95 16.85 1.55
CA LEU A 303 2.90 17.55 0.81
C LEU A 303 3.14 19.08 0.74
N ALA A 304 3.81 19.65 1.74
CA ALA A 304 4.11 21.08 1.78
C ALA A 304 5.45 21.44 1.15
N HIS A 305 6.14 20.48 0.54
CA HIS A 305 7.37 20.73 -0.24
C HIS A 305 7.04 21.61 -1.45
N ALA A 306 7.97 22.46 -1.85
CA ALA A 306 7.78 23.36 -3.01
C ALA A 306 7.46 22.62 -4.29
N TYR A 307 7.90 21.37 -4.37
CA TYR A 307 7.64 20.47 -5.50
C TYR A 307 6.21 20.34 -5.88
N PHE A 308 5.34 20.36 -4.87
CA PHE A 308 3.92 20.17 -5.01
C PHE A 308 3.12 21.46 -4.96
N ALA A 309 3.77 22.58 -5.27
CA ALA A 309 3.10 23.91 -5.23
C ALA A 309 1.83 24.02 -6.09
N GLN A 310 1.88 23.46 -7.29
CA GLN A 310 0.74 23.43 -8.18
C GLN A 310 -0.42 22.57 -7.68
N TYR A 311 -0.16 21.59 -6.81
CA TYR A 311 -1.19 20.66 -6.29
C TYR A 311 -1.63 20.88 -4.84
N HIS A 312 -0.74 21.36 -4.00
CA HIS A 312 -1.00 21.40 -2.54
C HIS A 312 -2.18 22.28 -2.21
N ASP A 313 -3.13 21.76 -1.44
CA ASP A 313 -4.23 22.54 -0.94
C ASP A 313 -4.58 21.92 0.40
N PRO A 314 -4.20 22.57 1.51
CA PRO A 314 -4.58 22.03 2.83
C PRO A 314 -6.08 21.90 3.13
N ASP A 315 -6.97 22.66 2.50
CA ASP A 315 -8.40 22.46 2.74
C ASP A 315 -8.96 21.23 2.06
N ASP A 316 -8.13 20.57 1.25
CA ASP A 316 -8.52 19.35 0.60
C ASP A 316 -7.50 18.22 0.77
N GLU A 317 -6.87 18.15 1.95
CA GLU A 317 -6.00 17.03 2.30
C GLU A 317 -6.43 16.56 3.68
N PRO A 318 -7.56 15.82 3.75
CA PRO A 318 -8.08 15.55 5.08
C PRO A 318 -7.31 14.50 5.86
N VAL A 319 -7.56 14.51 7.16
CA VAL A 319 -7.18 13.47 8.08
C VAL A 319 -8.36 12.55 8.32
N ALA A 320 -8.13 11.43 8.99
CA ALA A 320 -9.16 10.44 9.16
C ALA A 320 -10.01 10.73 10.38
N ASP A 321 -11.25 10.24 10.36
CA ASP A 321 -12.01 10.13 11.60
C ASP A 321 -11.27 9.24 12.61
N PRO A 322 -11.39 9.55 13.93
CA PRO A 322 -10.85 8.63 14.89
C PRO A 322 -11.39 7.25 14.68
N TYR A 323 -10.47 6.29 14.71
CA TYR A 323 -10.70 4.95 14.30
C TYR A 323 -10.40 4.09 15.50
N ASP A 324 -11.38 3.29 15.94
CA ASP A 324 -11.23 2.37 17.07
C ASP A 324 -10.53 1.07 16.67
N GLN A 325 -9.26 1.00 17.02
CA GLN A 325 -8.35 -0.14 16.82
C GLN A 325 -8.09 -0.94 18.10
N SER A 326 -8.85 -0.73 19.16
CA SER A 326 -8.66 -1.51 20.37
C SER A 326 -8.66 -3.05 20.09
N PHE A 327 -9.37 -3.49 19.03
CA PHE A 327 -9.31 -4.88 18.63
C PHE A 327 -7.90 -5.39 18.38
N GLU A 328 -6.97 -4.52 17.98
CA GLU A 328 -5.59 -4.92 17.75
C GLU A 328 -4.86 -5.48 18.97
N SER A 329 -5.31 -5.12 20.16
CA SER A 329 -4.62 -5.54 21.35
C SER A 329 -5.41 -6.67 22.01
N ARG A 330 -6.51 -7.14 21.41
CA ARG A 330 -7.16 -8.40 21.78
C ARG A 330 -6.43 -9.55 21.16
N ASP A 331 -6.44 -10.67 21.87
CA ASP A 331 -5.97 -11.93 21.36
C ASP A 331 -7.15 -12.91 21.44
N LEU A 332 -7.70 -13.26 20.27
CA LEU A 332 -8.86 -14.15 20.22
C LEU A 332 -8.64 -15.44 19.42
N LEU A 333 -9.62 -16.31 19.47
CA LEU A 333 -9.61 -17.51 18.65
C LEU A 333 -10.23 -17.24 17.30
N ILE A 334 -9.83 -18.05 16.31
CA ILE A 334 -10.39 -18.01 14.96
C ILE A 334 -11.90 -17.74 14.94
N ASP A 335 -12.66 -18.50 15.71
CA ASP A 335 -14.14 -18.38 15.72
C ASP A 335 -14.70 -17.09 16.31
N GLU A 336 -13.92 -16.45 17.15
CA GLU A 336 -14.30 -15.16 17.71
C GLU A 336 -14.12 -14.05 16.66
N TRP A 337 -12.91 -14.00 16.07
CA TRP A 337 -12.58 -13.11 14.94
C TRP A 337 -13.56 -13.30 13.79
N LYS A 338 -13.96 -14.56 13.58
CA LYS A 338 -14.90 -14.94 12.53
C LYS A 338 -16.28 -14.39 12.79
N SER A 339 -16.75 -14.54 14.01
CA SER A 339 -18.06 -14.00 14.38
C SER A 339 -18.15 -12.50 14.22
N LEU A 340 -17.10 -11.80 14.61
CA LEU A 340 -17.07 -10.34 14.57
C LEU A 340 -17.04 -9.85 13.12
N THR A 341 -16.32 -10.57 12.25
CA THR A 341 -16.29 -10.27 10.83
C THR A 341 -17.66 -10.50 10.19
N TYR A 342 -18.24 -11.63 10.52
CA TYR A 342 -19.59 -11.97 10.08
C TYR A 342 -20.60 -10.88 10.41
N ASP A 343 -20.60 -10.39 11.64
CA ASP A 343 -21.47 -9.26 12.04
C ASP A 343 -21.18 -8.08 11.17
N GLU A 344 -19.91 -7.82 10.86
CA GLU A 344 -19.59 -6.68 9.97
C GLU A 344 -20.07 -6.89 8.53
N VAL A 345 -20.06 -8.14 8.03
CA VAL A 345 -20.59 -8.42 6.68
C VAL A 345 -22.11 -8.17 6.63
N ILE A 346 -22.78 -8.65 7.66
CA ILE A 346 -24.24 -8.64 7.77
C ILE A 346 -24.78 -7.23 7.85
N SER A 347 -24.06 -6.39 8.59
CA SER A 347 -24.47 -5.02 8.80
C SER A 347 -23.90 -4.06 7.78
N PHE A 348 -23.17 -4.54 6.78
CA PHE A 348 -22.63 -3.66 5.77
C PHE A 348 -23.77 -3.05 4.99
N VAL A 349 -23.68 -1.76 4.71
CA VAL A 349 -24.63 -1.06 3.86
C VAL A 349 -23.88 -0.43 2.68
N PRO A 350 -24.28 -0.77 1.43
CA PRO A 350 -23.54 -0.21 0.29
C PRO A 350 -23.63 1.31 0.26
N PRO A 351 -22.62 2.00 -0.28
CA PRO A 351 -22.79 3.44 -0.46
C PRO A 351 -23.90 3.73 -1.50
N PRO A 352 -24.62 4.86 -1.35
CA PRO A 352 -25.72 5.11 -2.29
C PRO A 352 -25.28 5.27 -3.78
N LEU A 353 -24.28 6.13 -4.05
CA LEU A 353 -23.84 6.61 -5.42
C LEU A 353 -24.12 8.13 -5.65
CAW 78L B . -6.29 -7.08 -19.19
CAX 78L B . -7.51 -7.46 -20.04
OAY 78L B . -7.84 -8.86 -19.88
CAZ 78L B . -7.96 -9.29 -18.53
CBA 78L B . -6.70 -8.94 -17.74
NAV 78L B . -6.47 -7.47 -17.77
CAU 78L B . -5.28 -7.11 -16.94
CAT 78L B . -5.39 -6.45 -16.04
NAR 78L B . -6.65 -5.64 -15.97
CAQ 78L B . -7.11 -4.78 -15.00
OAS 78L B . -8.26 -4.33 -15.15
CAM 78L B . -6.41 -4.49 -13.77
CAL 78L B . -7.15 -4.02 -12.63
CAA 78L B . -6.61 -3.72 -11.37
CAG 78L B . -7.46 -3.25 -10.33
OAP 78L B . -8.35 -2.42 -10.62
CAN 78L B . -5.04 -4.65 -13.55
CAO 78L B . -4.48 -4.37 -12.30
CAB 78L B . -5.25 -3.90 -11.23
CAC 78L B . -4.58 -3.71 -9.98
CAD 78L B . -5.15 -4.82 -8.99
CAE 78L B . -6.35 -4.37 -8.38
CAH 78L B . -6.46 -4.72 -7.01
CAF 78L B . -7.37 -3.66 -8.98
CAK 78L B . -8.48 -3.26 -8.20
CAJ 78L B . -8.55 -3.59 -6.83
CAI 78L B . -7.55 -4.34 -6.21
NBB 78L B . -7.55 -4.74 -4.92
CBC 78L B . -8.55 -4.70 -3.99
CBD 78L B . -8.18 -4.32 -2.71
CBH 78L B . -9.88 -5.09 -4.26
FBI 78L B . -10.31 -5.45 -5.34
CBG 78L B . -10.81 -5.02 -3.24
CBF 78L B . -10.43 -4.60 -1.96
FBJ 78L B . -11.43 -4.54 -0.95
CBE 78L B . -9.11 -4.22 -1.68
NBK 78L B . -8.84 -3.85 -0.39
CBL 78L B . -7.92 -2.88 -0.06
OBN 78L B . -7.21 -2.27 -0.88
CBM 78L B . -7.71 -2.60 1.26
SBR 78L B . -7.23 -1.06 1.83
CBQ 78L B . -7.19 -1.60 3.47
CBP 78L B . -7.52 -2.90 3.52
CBO 78L B . -7.78 -3.44 2.32
#